data_5Y7Y
#
_entry.id   5Y7Y
#
_cell.length_a   78.362
_cell.length_b   78.362
_cell.length_c   129.784
_cell.angle_alpha   90.00
_cell.angle_beta   90.00
_cell.angle_gamma   90.00
#
_symmetry.space_group_name_H-M   'P 41'
#
loop_
_entity.id
_entity.type
_entity.pdbx_description
1 polymer 'Aryl hydrocarbon receptor repressor'
2 polymer 'Aryl hydrocarbon receptor nuclear translocator'
3 non-polymer GLYCEROL
4 water water
#
loop_
_entity_poly.entity_id
_entity_poly.type
_entity_poly.pdbx_seq_one_letter_code
_entity_poly.pdbx_strand_id
1 'polypeptide(L)'
;GPEFPAVGAEKSNPSKRHRDRLNAELDHLASLLPFPPDIISKLDKLSVLRLSVSYLRVKSFFQVVQEQSSRQPAAGAPSP
GDSCPLAGSAVLEGRLLLESLNGFALVVSAEGTIFYASATIVDYLGFHQTDVMHQNIYDYIHVDDRQDFCRQLHWAMDPP
QVVFGQPPPLETGDDAILGRLLRAQEWGTGTPTEYSAFLTRCFICRVRCLLDSTSGFLTMQFQGKLKFLFGQKKKAPSGA
MLPPRLSLFCIAAPVLLP
;
A
2 'polypeptide(L)'
;GPEFSSADKERLARENHSEIERRRRNKMTAYITELSDMVPTCSALARKPDKLTILRMAVSHMKSLRGTGNKPSFLTDQEL
KHLILEAADGFLFIVSCETGRVVYVSDSVTPVLNQPQSEWFGSTLYDQVHPDDVDKLREQLSTSENMGSRRSFICRMRCG
NPHFVVVHCTGYIKAWPPGSKFCLVAIGRLQVTSSPNCTDMSNVCQPTEFISRHNIEGIFTFVDHRCVATVGYQPQELLG
KNIVEFCHPEDQQLLRDSFQQVVKLKGQVLSVMFRFRSKNREWLWVRTSSFTFQNPYSDEIEYIICTNTNV
;
B
#
loop_
_chem_comp.id
_chem_comp.type
_chem_comp.name
_chem_comp.formula
GOL non-polymer GLYCEROL 'C3 H8 O3'
#
# COMPACT_ATOMS: atom_id res chain seq x y z
N LYS A 16 44.25 1.55 2.28
CA LYS A 16 45.38 2.16 1.52
C LYS A 16 44.82 3.08 0.42
N ARG A 17 45.43 3.07 -0.76
CA ARG A 17 44.85 3.68 -1.96
C ARG A 17 43.58 2.96 -2.42
N HIS A 18 43.41 1.71 -2.00
CA HIS A 18 42.19 0.96 -2.28
C HIS A 18 41.00 1.53 -1.50
N ARG A 19 41.23 1.88 -0.24
CA ARG A 19 40.21 2.53 0.59
C ARG A 19 39.77 3.87 -0.02
N ASP A 20 40.72 4.56 -0.66
CA ASP A 20 40.42 5.78 -1.41
C ASP A 20 39.58 5.49 -2.66
N ARG A 21 39.88 4.39 -3.37
CA ARG A 21 39.10 3.98 -4.54
C ARG A 21 37.65 3.66 -4.14
N LEU A 22 37.48 2.93 -3.03
CA LEU A 22 36.14 2.60 -2.54
C LEU A 22 35.34 3.87 -2.23
N ASN A 23 35.97 4.80 -1.50
CA ASN A 23 35.30 6.03 -1.10
C ASN A 23 34.98 6.98 -2.25
N ALA A 24 35.80 6.95 -3.29
CA ALA A 24 35.54 7.75 -4.49
C ALA A 24 34.29 7.25 -5.23
N GLU A 25 34.09 5.94 -5.25
CA GLU A 25 32.89 5.35 -5.86
C GLU A 25 31.63 5.65 -5.03
N LEU A 26 31.79 5.67 -3.71
CA LEU A 26 30.69 6.06 -2.83
C LEU A 26 30.31 7.53 -3.04
N ASP A 27 31.32 8.38 -3.26
CA ASP A 27 31.07 9.79 -3.61
C ASP A 27 30.34 9.91 -4.93
N HIS A 28 30.79 9.14 -5.92
CA HIS A 28 30.06 9.01 -7.19
C HIS A 28 28.59 8.69 -6.95
N LEU A 29 28.34 7.60 -6.22
CA LEU A 29 26.98 7.16 -5.91
C LEU A 29 26.16 8.28 -5.23
N ALA A 30 26.77 8.93 -4.26
CA ALA A 30 26.11 10.02 -3.53
C ALA A 30 25.67 11.15 -4.47
N SER A 31 26.53 11.48 -5.42
CA SER A 31 26.27 12.59 -6.35
C SER A 31 25.22 12.25 -7.41
N LEU A 32 24.90 10.96 -7.56
CA LEU A 32 23.88 10.53 -8.49
C LEU A 32 22.53 10.29 -7.82
N LEU A 33 22.47 10.44 -6.50
CA LEU A 33 21.20 10.24 -5.79
C LEU A 33 20.23 11.35 -6.16
N PRO A 34 18.93 11.01 -6.26
CA PRO A 34 17.91 11.97 -6.66
C PRO A 34 17.43 12.88 -5.52
N PHE A 35 18.35 13.60 -4.89
CA PHE A 35 18.01 14.59 -3.86
C PHE A 35 18.90 15.82 -4.03
N PRO A 36 18.45 16.98 -3.54
CA PRO A 36 19.28 18.18 -3.64
C PRO A 36 20.60 18.06 -2.88
N PRO A 37 21.63 18.83 -3.28
CA PRO A 37 22.96 18.76 -2.65
C PRO A 37 22.97 18.98 -1.14
N ASP A 38 22.04 19.80 -0.64
CA ASP A 38 21.92 20.04 0.81
C ASP A 38 21.50 18.80 1.60
N ILE A 39 20.72 17.92 0.98
CA ILE A 39 20.37 16.63 1.60
C ILE A 39 21.51 15.62 1.43
N ILE A 40 22.06 15.53 0.22
CA ILE A 40 23.14 14.59 -0.07
C ILE A 40 24.36 14.78 0.84
N SER A 41 24.73 16.03 1.08
CA SER A 41 25.91 16.36 1.90
C SER A 41 25.77 15.95 3.37
N LYS A 42 24.53 15.80 3.83
CA LYS A 42 24.27 15.36 5.20
C LYS A 42 24.34 13.83 5.39
N LEU A 43 24.36 13.07 4.29
CA LEU A 43 24.36 11.61 4.35
C LEU A 43 25.75 11.06 4.59
N ASP A 44 25.82 9.96 5.33
CA ASP A 44 27.08 9.22 5.48
C ASP A 44 27.09 8.03 4.53
N LYS A 45 28.23 7.36 4.45
CA LYS A 45 28.44 6.31 3.46
C LYS A 45 27.41 5.20 3.53
N LEU A 46 26.96 4.87 4.74
CA LEU A 46 25.98 3.83 4.95
C LEU A 46 24.62 4.18 4.34
N SER A 47 24.19 5.43 4.54
CA SER A 47 22.95 5.91 3.95
C SER A 47 23.03 6.06 2.43
N VAL A 48 24.20 6.45 1.92
CA VAL A 48 24.43 6.53 0.48
C VAL A 48 24.12 5.18 -0.15
N LEU A 49 24.64 4.12 0.47
CA LEU A 49 24.40 2.76 0.01
C LEU A 49 22.94 2.35 0.15
N ARG A 50 22.36 2.63 1.32
CA ARG A 50 20.96 2.30 1.60
C ARG A 50 20.07 2.95 0.54
N LEU A 51 20.26 4.25 0.35
CA LEU A 51 19.47 5.00 -0.61
C LEU A 51 19.76 4.63 -2.06
N SER A 52 20.98 4.22 -2.35
CA SER A 52 21.32 3.72 -3.69
C SER A 52 20.54 2.44 -3.99
N VAL A 53 20.60 1.49 -3.05
CA VAL A 53 19.81 0.27 -3.15
C VAL A 53 18.33 0.62 -3.29
N SER A 54 17.87 1.50 -2.42
CA SER A 54 16.48 1.96 -2.42
C SER A 54 16.04 2.43 -3.81
N TYR A 55 16.86 3.28 -4.42
CA TYR A 55 16.56 3.86 -5.74
C TYR A 55 16.47 2.79 -6.84
N LEU A 56 17.45 1.88 -6.87
CA LEU A 56 17.46 0.81 -7.86
C LEU A 56 16.27 -0.15 -7.72
N ARG A 57 15.87 -0.45 -6.49
CA ARG A 57 14.74 -1.34 -6.24
C ARG A 57 13.44 -0.73 -6.76
N VAL A 58 13.26 0.56 -6.52
CA VAL A 58 12.08 1.27 -6.99
C VAL A 58 12.06 1.38 -8.51
N LYS A 59 13.21 1.62 -9.12
CA LYS A 59 13.30 1.70 -10.59
C LYS A 59 13.09 0.34 -11.25
N SER A 60 13.57 -0.71 -10.61
CA SER A 60 13.36 -2.08 -11.10
C SER A 60 11.88 -2.46 -11.08
N PHE A 61 11.17 -2.08 -10.02
CA PHE A 61 9.72 -2.28 -9.93
C PHE A 61 9.01 -1.63 -11.11
N PHE A 62 9.31 -0.36 -11.35
CA PHE A 62 8.65 0.38 -12.44
C PHE A 62 9.05 -0.09 -13.84
N GLN A 63 10.23 -0.71 -13.95
CA GLN A 63 10.64 -1.29 -15.23
C GLN A 63 9.78 -2.50 -15.57
N VAL A 64 9.57 -3.37 -14.58
CA VAL A 64 8.72 -4.56 -14.76
C VAL A 64 7.27 -4.16 -15.02
N VAL A 65 6.81 -3.10 -14.35
CA VAL A 65 5.47 -2.57 -14.59
C VAL A 65 5.36 -1.99 -16.00
N GLN A 66 6.42 -1.32 -16.45
CA GLN A 66 6.48 -0.80 -17.82
C GLN A 66 6.40 -1.94 -18.85
N GLU A 67 7.14 -3.02 -18.60
CA GLU A 67 7.13 -4.20 -19.47
C GLU A 67 5.72 -4.77 -19.62
N GLN A 68 5.00 -4.88 -18.50
CA GLN A 68 3.62 -5.37 -18.50
C GLN A 68 2.66 -4.30 -19.05
N SER A 69 2.64 -4.17 -20.38
CA SER A 69 1.78 -3.19 -21.05
C SER A 69 1.39 -3.69 -22.44
N GLU A 93 -0.06 14.60 -12.68
CA GLU A 93 -0.12 15.08 -11.30
C GLU A 93 -1.01 14.16 -10.47
N GLY A 94 -0.43 13.33 -9.59
CA GLY A 94 1.01 13.29 -9.31
C GLY A 94 1.36 14.14 -8.10
N ARG A 95 2.06 15.25 -8.33
CA ARG A 95 2.48 16.14 -7.25
C ARG A 95 1.27 16.82 -6.58
N LEU A 96 0.28 17.18 -7.38
CA LEU A 96 -0.94 17.82 -6.87
C LEU A 96 -1.81 16.81 -6.15
N LEU A 97 -1.84 15.58 -6.67
CA LEU A 97 -2.56 14.49 -6.02
C LEU A 97 -1.91 14.13 -4.69
N LEU A 98 -0.58 14.23 -4.62
CA LEU A 98 0.16 14.03 -3.38
C LEU A 98 -0.15 15.11 -2.35
N GLU A 99 -0.18 16.36 -2.81
CA GLU A 99 -0.48 17.50 -1.94
C GLU A 99 -1.95 17.48 -1.46
N SER A 100 -2.82 16.94 -2.29
CA SER A 100 -4.26 16.88 -1.99
C SER A 100 -4.60 15.94 -0.82
N LEU A 101 -3.88 14.82 -0.74
CA LEU A 101 -4.07 13.85 0.35
C LEU A 101 -3.82 14.47 1.71
N ASN A 102 -4.65 14.13 2.69
CA ASN A 102 -4.30 14.38 4.09
C ASN A 102 -3.55 13.16 4.61
N GLY A 103 -2.29 13.07 4.23
CA GLY A 103 -1.45 11.92 4.56
C GLY A 103 -0.40 11.70 3.49
N PHE A 104 0.51 10.76 3.77
CA PHE A 104 1.60 10.47 2.84
C PHE A 104 1.44 9.07 2.27
N ALA A 105 2.02 8.85 1.08
CA ALA A 105 2.00 7.55 0.43
C ALA A 105 3.10 6.67 1.01
N LEU A 106 2.80 5.40 1.19
CA LEU A 106 3.73 4.46 1.82
C LEU A 106 3.61 3.09 1.16
N VAL A 107 4.75 2.45 0.92
CA VAL A 107 4.78 1.09 0.41
C VAL A 107 5.70 0.26 1.29
N VAL A 108 5.16 -0.78 1.91
CA VAL A 108 5.93 -1.64 2.80
C VAL A 108 5.96 -3.06 2.24
N SER A 109 7.16 -3.62 2.10
CA SER A 109 7.33 -4.97 1.55
C SER A 109 6.96 -6.05 2.57
N ALA A 110 6.87 -7.29 2.07
CA ALA A 110 6.48 -8.45 2.89
C ALA A 110 7.28 -8.60 4.18
N GLU A 111 8.55 -8.22 4.16
CA GLU A 111 9.43 -8.38 5.33
C GLU A 111 9.46 -7.13 6.20
N GLY A 112 8.65 -6.13 5.86
CA GLY A 112 8.56 -4.89 6.63
C GLY A 112 9.55 -3.81 6.21
N THR A 113 10.03 -3.87 4.98
CA THR A 113 10.94 -2.84 4.48
C THR A 113 10.16 -1.70 3.85
N ILE A 114 10.55 -0.48 4.16
CA ILE A 114 9.95 0.71 3.56
C ILE A 114 10.49 0.86 2.15
N PHE A 115 9.79 0.28 1.19
CA PHE A 115 10.15 0.33 -0.22
C PHE A 115 9.96 1.74 -0.81
N TYR A 116 8.95 2.45 -0.32
CA TYR A 116 8.77 3.85 -0.72
C TYR A 116 7.99 4.63 0.33
N ALA A 117 8.43 5.88 0.55
CA ALA A 117 7.67 6.86 1.32
C ALA A 117 7.74 8.16 0.55
N SER A 118 6.59 8.82 0.38
CA SER A 118 6.54 10.11 -0.30
C SER A 118 7.18 11.19 0.56
N ALA A 119 7.54 12.29 -0.07
CA ALA A 119 8.29 13.37 0.56
C ALA A 119 7.51 14.04 1.69
N THR A 120 6.18 14.02 1.61
CA THR A 120 5.33 14.63 2.62
C THR A 120 5.32 13.88 3.95
N ILE A 121 5.96 12.72 4.03
CA ILE A 121 6.14 12.03 5.32
C ILE A 121 6.73 12.96 6.39
N VAL A 122 7.62 13.87 5.99
CA VAL A 122 8.23 14.85 6.90
C VAL A 122 7.21 15.81 7.52
N ASP A 123 6.15 16.13 6.78
CA ASP A 123 5.09 17.01 7.29
C ASP A 123 4.26 16.39 8.39
N TYR A 124 4.31 15.07 8.51
CA TYR A 124 3.53 14.35 9.52
C TYR A 124 4.37 13.78 10.66
N LEU A 125 5.54 13.26 10.35
CA LEU A 125 6.38 12.55 11.33
C LEU A 125 7.72 13.23 11.68
N GLY A 126 8.13 14.22 10.89
CA GLY A 126 9.43 14.85 11.08
C GLY A 126 10.61 14.07 10.51
N PHE A 127 10.38 12.83 10.08
CA PHE A 127 11.40 12.04 9.41
C PHE A 127 11.42 12.38 7.94
N HIS A 128 12.60 12.64 7.39
CA HIS A 128 12.73 12.93 5.97
C HIS A 128 12.60 11.64 5.17
N GLN A 129 12.27 11.78 3.90
CA GLN A 129 12.24 10.65 2.96
C GLN A 129 13.52 9.82 3.01
N THR A 130 14.67 10.49 3.15
CA THR A 130 15.99 9.86 3.15
C THR A 130 16.30 9.09 4.44
N ASP A 131 15.70 9.49 5.56
CA ASP A 131 15.83 8.77 6.83
C ASP A 131 15.16 7.40 6.76
N VAL A 132 14.09 7.31 5.97
CA VAL A 132 13.13 6.22 6.05
C VAL A 132 13.28 5.16 4.95
N MET A 133 13.76 5.56 3.77
CA MET A 133 13.79 4.67 2.61
C MET A 133 14.64 3.42 2.84
N HIS A 134 14.06 2.26 2.53
CA HIS A 134 14.72 0.96 2.67
C HIS A 134 15.11 0.65 4.13
N GLN A 135 14.38 1.22 5.08
CA GLN A 135 14.56 0.89 6.48
C GLN A 135 13.51 -0.15 6.88
N ASN A 136 13.62 -0.63 8.10
CA ASN A 136 12.67 -1.57 8.68
C ASN A 136 11.50 -0.80 9.31
N ILE A 137 10.30 -1.05 8.82
CA ILE A 137 9.08 -0.33 9.25
C ILE A 137 8.83 -0.47 10.76
N TYR A 138 9.19 -1.61 11.32
CA TYR A 138 8.90 -1.90 12.73
C TYR A 138 9.67 -0.99 13.69
N ASP A 139 10.79 -0.44 13.25
CA ASP A 139 11.53 0.55 14.03
C ASP A 139 10.76 1.86 14.23
N TYR A 140 9.78 2.12 13.36
CA TYR A 140 8.95 3.33 13.43
C TYR A 140 7.53 3.07 13.96
N ILE A 141 7.24 1.83 14.35
CA ILE A 141 5.92 1.45 14.86
C ILE A 141 6.03 1.20 16.36
N HIS A 142 5.05 1.68 17.11
CA HIS A 142 4.97 1.43 18.56
C HIS A 142 5.04 -0.08 18.83
N VAL A 143 5.81 -0.46 19.86
CA VAL A 143 6.09 -1.88 20.18
C VAL A 143 4.83 -2.76 20.21
N ASP A 144 3.80 -2.28 20.88
CA ASP A 144 2.53 -3.01 21.04
C ASP A 144 1.68 -3.10 19.76
N ASP A 145 1.99 -2.30 18.75
CA ASP A 145 1.28 -2.36 17.46
C ASP A 145 2.05 -3.13 16.39
N ARG A 146 3.33 -3.42 16.62
CA ARG A 146 4.18 -4.09 15.63
C ARG A 146 3.60 -5.41 15.14
N GLN A 147 3.04 -6.18 16.07
CA GLN A 147 2.51 -7.49 15.76
C GLN A 147 1.28 -7.36 14.85
N ASP A 148 0.41 -6.40 15.13
CA ASP A 148 -0.75 -6.13 14.27
C ASP A 148 -0.30 -5.73 12.88
N PHE A 149 0.62 -4.77 12.81
CA PHE A 149 1.13 -4.29 11.53
C PHE A 149 1.65 -5.45 10.69
N CYS A 150 2.41 -6.35 11.33
CA CYS A 150 2.93 -7.54 10.66
C CYS A 150 1.78 -8.38 10.11
N ARG A 151 0.75 -8.57 10.92
CA ARG A 151 -0.43 -9.31 10.52
C ARG A 151 -1.07 -8.73 9.24
N GLN A 152 -1.09 -7.39 9.15
CA GLN A 152 -1.71 -6.72 8.01
C GLN A 152 -1.01 -6.99 6.68
N LEU A 153 0.29 -7.28 6.73
CA LEU A 153 1.07 -7.53 5.52
C LEU A 153 0.81 -8.91 4.91
N HIS A 154 0.46 -9.89 5.74
CA HIS A 154 0.19 -11.24 5.26
C HIS A 154 -1.12 -11.33 4.49
N TRP A 155 -1.18 -12.19 3.48
CA TRP A 155 -2.34 -12.30 2.60
C TRP A 155 -3.61 -12.76 3.33
N ALA A 156 -3.44 -13.65 4.30
CA ALA A 156 -4.54 -14.15 5.15
C ALA A 156 -4.52 -13.61 6.58
N MET A 157 -3.74 -12.55 6.82
CA MET A 157 -3.53 -12.03 8.18
C MET A 157 -3.10 -13.12 9.17
N ASP A 158 -2.23 -14.01 8.68
CA ASP A 158 -1.72 -15.15 9.43
C ASP A 158 -0.22 -15.29 9.17
N PRO A 159 0.59 -14.39 9.74
CA PRO A 159 2.04 -14.46 9.54
C PRO A 159 2.65 -15.64 10.31
N PRO A 160 3.61 -16.35 9.68
CA PRO A 160 4.25 -17.49 10.34
C PRO A 160 5.14 -17.06 11.51
N GLN A 161 5.19 -17.89 12.54
CA GLN A 161 5.98 -17.60 13.73
C GLN A 161 6.68 -18.86 14.23
N ASP A 174 2.90 -22.20 1.56
CA ASP A 174 2.47 -20.81 1.37
C ASP A 174 2.72 -20.27 -0.05
N ASP A 175 3.71 -20.82 -0.74
CA ASP A 175 4.04 -20.40 -2.10
C ASP A 175 3.00 -20.81 -3.14
N ALA A 176 2.24 -21.86 -2.85
CA ALA A 176 1.24 -22.39 -3.79
C ALA A 176 0.06 -21.45 -3.98
N ILE A 177 -0.47 -20.93 -2.87
CA ILE A 177 -1.63 -20.06 -2.91
C ILE A 177 -1.31 -18.68 -3.50
N LEU A 178 -0.09 -18.19 -3.25
CA LEU A 178 0.37 -16.94 -3.86
C LEU A 178 0.53 -17.08 -5.37
N GLY A 179 0.83 -18.30 -5.82
CA GLY A 179 0.84 -18.63 -7.24
C GLY A 179 -0.48 -18.34 -7.92
N ARG A 180 -1.57 -18.76 -7.28
CA ARG A 180 -2.93 -18.47 -7.79
C ARG A 180 -3.21 -16.98 -7.79
N LEU A 181 -2.81 -16.30 -6.72
CA LEU A 181 -2.97 -14.84 -6.63
C LEU A 181 -2.17 -14.14 -7.73
N LEU A 182 -0.97 -14.63 -8.00
CA LEU A 182 -0.12 -14.08 -9.05
C LEU A 182 -0.69 -14.36 -10.44
N ARG A 183 -1.07 -15.62 -10.68
CA ARG A 183 -1.67 -16.02 -11.97
C ARG A 183 -3.03 -15.35 -12.24
N ALA A 184 -3.77 -15.06 -11.17
CA ALA A 184 -5.06 -14.36 -11.29
C ALA A 184 -4.87 -12.95 -11.87
N GLN A 185 -3.77 -12.30 -11.48
CA GLN A 185 -3.41 -11.00 -12.04
C GLN A 185 -2.83 -11.16 -13.44
N GLU A 186 -3.45 -10.49 -14.40
CA GLU A 186 -2.99 -10.49 -15.80
C GLU A 186 -2.96 -11.90 -16.39
N PRO A 192 -9.03 -5.70 -10.92
CA PRO A 192 -9.53 -6.35 -9.70
C PRO A 192 -9.85 -7.82 -9.92
N THR A 193 -8.99 -8.70 -9.41
CA THR A 193 -9.14 -10.15 -9.60
C THR A 193 -10.16 -10.74 -8.63
N GLU A 194 -10.38 -12.05 -8.72
CA GLU A 194 -11.19 -12.79 -7.74
C GLU A 194 -10.81 -12.44 -6.30
N TYR A 195 -9.51 -12.34 -6.07
CA TYR A 195 -8.96 -12.29 -4.72
C TYR A 195 -8.79 -10.88 -4.13
N SER A 196 -9.18 -9.85 -4.88
CA SER A 196 -8.93 -8.46 -4.48
C SER A 196 -9.64 -8.07 -3.18
N ALA A 197 -10.83 -8.62 -2.96
CA ALA A 197 -11.59 -8.33 -1.75
C ALA A 197 -10.91 -8.84 -0.48
N PHE A 198 -10.03 -9.83 -0.63
CA PHE A 198 -9.30 -10.41 0.51
C PHE A 198 -8.02 -9.64 0.85
N LEU A 199 -7.65 -8.68 0.02
CA LEU A 199 -6.34 -8.03 0.13
C LEU A 199 -6.41 -6.55 0.48
N THR A 200 -7.61 -6.04 0.75
CA THR A 200 -7.76 -4.66 1.19
C THR A 200 -7.34 -4.56 2.64
N ARG A 201 -6.86 -3.40 3.04
CA ARG A 201 -6.39 -3.19 4.41
C ARG A 201 -6.74 -1.79 4.90
N CYS A 202 -7.29 -1.72 6.10
CA CYS A 202 -7.60 -0.46 6.76
C CYS A 202 -7.47 -0.68 8.26
N PHE A 203 -6.46 -0.05 8.85
CA PHE A 203 -6.18 -0.24 10.27
C PHE A 203 -5.51 0.99 10.88
N ILE A 204 -5.49 1.02 12.20
CA ILE A 204 -4.92 2.12 12.94
C ILE A 204 -3.68 1.65 13.68
N CYS A 205 -2.66 2.50 13.72
CA CYS A 205 -1.36 2.14 14.25
C CYS A 205 -0.66 3.39 14.75
N ARG A 206 0.16 3.23 15.78
CA ARG A 206 0.93 4.36 16.33
C ARG A 206 2.32 4.40 15.69
N VAL A 207 2.61 5.54 15.05
CA VAL A 207 3.84 5.73 14.28
C VAL A 207 4.75 6.74 14.98
N ARG A 208 6.04 6.41 15.10
CA ARG A 208 7.03 7.31 15.70
C ARG A 208 7.00 8.67 15.01
N CYS A 209 6.87 9.72 15.81
CA CYS A 209 6.61 11.06 15.31
C CYS A 209 7.49 12.05 16.08
N LEU A 210 8.44 12.66 15.38
CA LEU A 210 9.34 13.63 15.99
C LEU A 210 8.67 14.98 16.26
N LEU A 211 7.47 15.17 15.69
CA LEU A 211 6.72 16.40 15.88
C LEU A 211 5.80 16.36 17.11
N ASP A 212 5.69 15.19 17.73
CA ASP A 212 4.88 15.02 18.95
C ASP A 212 5.77 15.12 20.18
N SER A 213 5.38 15.98 21.12
CA SER A 213 6.18 16.25 22.32
C SER A 213 5.71 15.50 23.57
N THR A 214 4.67 14.68 23.43
CA THR A 214 4.15 13.91 24.56
C THR A 214 4.56 12.44 24.47
N SER A 215 3.80 11.62 23.74
CA SER A 215 4.11 10.20 23.59
C SER A 215 5.25 9.98 22.61
N GLY A 216 5.44 10.92 21.68
CA GLY A 216 6.38 10.77 20.58
C GLY A 216 5.85 9.85 19.49
N PHE A 217 4.53 9.64 19.50
CA PHE A 217 3.87 8.79 18.53
C PHE A 217 2.63 9.48 17.98
N LEU A 218 2.38 9.27 16.68
CA LEU A 218 1.20 9.78 16.01
C LEU A 218 0.33 8.59 15.67
N THR A 219 -0.94 8.67 16.05
CA THR A 219 -1.89 7.61 15.71
C THR A 219 -2.32 7.85 14.27
N MET A 220 -2.11 6.86 13.43
CA MET A 220 -2.41 7.00 12.00
C MET A 220 -3.29 5.86 11.51
N GLN A 221 -4.11 6.16 10.51
CA GLN A 221 -4.87 5.14 9.80
C GLN A 221 -4.14 4.78 8.51
N PHE A 222 -3.85 3.48 8.35
CA PHE A 222 -3.24 2.96 7.14
C PHE A 222 -4.32 2.35 6.25
N GLN A 223 -4.54 2.93 5.09
CA GLN A 223 -5.57 2.47 4.16
C GLN A 223 -4.96 2.13 2.81
N GLY A 224 -5.19 0.91 2.33
CA GLY A 224 -4.61 0.50 1.06
C GLY A 224 -4.91 -0.93 0.65
N LYS A 225 -4.02 -1.48 -0.19
CA LYS A 225 -4.16 -2.83 -0.73
C LYS A 225 -2.83 -3.54 -0.75
N LEU A 226 -2.86 -4.87 -0.62
CA LEU A 226 -1.68 -5.69 -0.84
C LEU A 226 -1.53 -5.97 -2.33
N LYS A 227 -0.35 -5.67 -2.86
CA LYS A 227 -0.04 -5.86 -4.27
C LYS A 227 1.33 -6.50 -4.39
N PHE A 228 1.55 -7.23 -5.48
CA PHE A 228 2.84 -7.88 -5.70
C PHE A 228 3.91 -6.84 -6.02
N LEU A 229 5.03 -6.94 -5.31
CA LEU A 229 6.16 -6.03 -5.50
C LEU A 229 7.14 -6.65 -6.49
N PHE A 230 6.97 -6.32 -7.76
CA PHE A 230 7.78 -6.89 -8.83
C PHE A 230 9.20 -6.32 -8.88
N GLY A 231 10.09 -7.05 -9.53
CA GLY A 231 11.41 -6.55 -9.92
C GLY A 231 12.45 -6.51 -8.82
N GLN A 232 12.24 -7.29 -7.76
CA GLN A 232 13.14 -7.24 -6.60
C GLN A 232 14.26 -8.27 -6.66
N LYS A 233 14.23 -9.11 -7.68
CA LYS A 233 15.36 -9.99 -8.03
C LYS A 233 15.92 -10.79 -6.85
N LYS A 234 15.02 -11.27 -6.00
CA LYS A 234 15.40 -12.19 -4.93
C LYS A 234 15.64 -13.57 -5.53
N LYS A 235 16.61 -14.28 -4.99
CA LYS A 235 17.02 -15.58 -5.53
C LYS A 235 17.15 -16.63 -4.44
N ALA A 236 16.88 -17.89 -4.81
CA ALA A 236 16.99 -19.02 -3.89
C ALA A 236 18.46 -19.41 -3.69
N PRO A 237 18.73 -20.32 -2.74
CA PRO A 237 20.08 -20.90 -2.66
C PRO A 237 20.53 -21.58 -3.94
N SER A 238 19.59 -22.24 -4.63
CA SER A 238 19.87 -22.92 -5.90
C SER A 238 20.28 -21.95 -7.02
N GLY A 239 19.78 -20.71 -6.95
CA GLY A 239 20.11 -19.69 -7.94
C GLY A 239 18.92 -19.20 -8.75
N ALA A 240 17.79 -19.91 -8.65
CA ALA A 240 16.57 -19.54 -9.37
C ALA A 240 15.93 -18.30 -8.75
N MET A 241 15.25 -17.53 -9.61
CA MET A 241 14.60 -16.29 -9.20
C MET A 241 13.31 -16.58 -8.45
N LEU A 242 13.21 -16.09 -7.22
CA LEU A 242 11.98 -16.20 -6.42
C LEU A 242 10.86 -15.38 -7.03
N PRO A 243 9.60 -15.83 -6.83
CA PRO A 243 8.47 -15.02 -7.29
C PRO A 243 8.30 -13.79 -6.40
N PRO A 244 7.64 -12.75 -6.91
CA PRO A 244 7.45 -11.54 -6.12
C PRO A 244 6.49 -11.77 -4.96
N ARG A 245 6.70 -11.06 -3.86
CA ARG A 245 5.85 -11.18 -2.68
C ARG A 245 4.96 -9.95 -2.54
N LEU A 246 3.94 -10.08 -1.70
CA LEU A 246 2.94 -9.03 -1.52
C LEU A 246 3.46 -7.94 -0.62
N SER A 247 3.17 -6.69 -1.00
CA SER A 247 3.53 -5.53 -0.22
C SER A 247 2.30 -4.66 -0.04
N LEU A 248 2.28 -3.88 1.04
CA LEU A 248 1.17 -2.99 1.32
C LEU A 248 1.40 -1.66 0.61
N PHE A 249 0.51 -1.33 -0.34
CA PHE A 249 0.47 -0.01 -0.97
C PHE A 249 -0.63 0.78 -0.27
N CYS A 250 -0.27 1.84 0.45
CA CYS A 250 -1.24 2.54 1.29
C CYS A 250 -1.01 4.04 1.39
N ILE A 251 -2.03 4.71 1.91
CA ILE A 251 -1.94 6.09 2.35
C ILE A 251 -1.99 6.05 3.87
N ALA A 252 -1.10 6.80 4.51
CA ALA A 252 -1.03 6.86 5.96
C ALA A 252 -1.49 8.24 6.40
N ALA A 253 -2.62 8.29 7.10
CA ALA A 253 -3.24 9.57 7.49
C ALA A 253 -3.41 9.64 9.00
N PRO A 254 -3.23 10.83 9.58
CA PRO A 254 -3.41 10.97 11.03
C PRO A 254 -4.88 10.91 11.42
N VAL A 255 -5.18 10.21 12.52
CA VAL A 255 -6.54 10.24 13.07
C VAL A 255 -6.64 11.44 14.02
N LEU A 256 -7.65 12.26 13.82
CA LEU A 256 -7.78 13.53 14.54
C LEU A 256 -8.91 13.45 15.57
N SER B 18 39.24 -2.03 18.44
CA SER B 18 37.87 -1.44 18.29
C SER B 18 37.75 -0.62 16.99
N GLU B 19 37.19 -1.18 15.90
CA GLU B 19 36.69 -2.57 15.79
C GLU B 19 35.50 -2.91 16.69
N ILE B 20 34.85 -1.88 17.25
CA ILE B 20 33.68 -2.07 18.11
C ILE B 20 32.41 -2.12 17.27
N GLU B 21 32.45 -1.52 16.09
CA GLU B 21 31.27 -1.39 15.23
C GLU B 21 31.34 -2.31 14.02
N ARG B 22 31.03 -3.59 14.25
CA ARG B 22 30.86 -4.55 13.17
C ARG B 22 29.53 -4.32 12.44
N ARG B 23 28.52 -3.87 13.19
CA ARG B 23 27.16 -3.71 12.66
C ARG B 23 27.06 -2.76 11.47
N ARG B 24 27.88 -1.71 11.46
CA ARG B 24 27.95 -0.78 10.34
C ARG B 24 28.82 -1.35 9.21
N ARG B 25 29.85 -2.09 9.58
CA ARG B 25 30.73 -2.76 8.62
C ARG B 25 29.98 -3.85 7.86
N ASN B 26 29.14 -4.59 8.57
CA ASN B 26 28.31 -5.63 7.98
C ASN B 26 27.20 -5.07 7.11
N LYS B 27 26.50 -4.06 7.62
CA LYS B 27 25.44 -3.39 6.88
C LYS B 27 25.91 -2.93 5.50
N MET B 28 27.09 -2.31 5.44
CA MET B 28 27.69 -1.91 4.17
C MET B 28 27.80 -3.10 3.23
N THR B 29 28.39 -4.18 3.72
CA THR B 29 28.59 -5.40 2.94
C THR B 29 27.27 -5.97 2.44
N ALA B 30 26.25 -5.95 3.29
CA ALA B 30 24.92 -6.44 2.91
C ALA B 30 24.29 -5.55 1.84
N TYR B 31 24.49 -4.23 1.94
CA TYR B 31 24.01 -3.32 0.91
C TYR B 31 24.76 -3.53 -0.42
N ILE B 32 26.07 -3.79 -0.34
CA ILE B 32 26.87 -4.06 -1.54
C ILE B 32 26.34 -5.28 -2.27
N THR B 33 25.97 -6.31 -1.51
CA THR B 33 25.39 -7.54 -2.06
C THR B 33 24.08 -7.26 -2.78
N GLU B 34 23.25 -6.39 -2.20
CA GLU B 34 21.99 -5.97 -2.83
C GLU B 34 22.24 -5.22 -4.13
N LEU B 35 23.26 -4.35 -4.17
CA LEU B 35 23.60 -3.66 -5.42
C LEU B 35 23.98 -4.68 -6.49
N SER B 36 24.70 -5.73 -6.09
CA SER B 36 25.07 -6.81 -7.01
C SER B 36 23.83 -7.48 -7.61
N ASP B 37 22.79 -7.70 -6.80
CA ASP B 37 21.54 -8.29 -7.28
C ASP B 37 20.76 -7.38 -8.23
N MET B 38 20.81 -6.07 -7.97
CA MET B 38 19.99 -5.11 -8.71
C MET B 38 20.64 -4.56 -9.98
N VAL B 39 21.96 -4.66 -10.07
CA VAL B 39 22.67 -4.23 -11.28
C VAL B 39 22.65 -5.39 -12.28
N PRO B 40 21.94 -5.23 -13.42
CA PRO B 40 21.63 -6.37 -14.32
C PRO B 40 22.82 -7.26 -14.70
N THR B 41 23.89 -6.64 -15.19
CA THR B 41 25.06 -7.41 -15.65
C THR B 41 25.91 -7.97 -14.52
N CYS B 42 25.78 -7.41 -13.32
CA CYS B 42 26.63 -7.77 -12.18
C CYS B 42 26.32 -9.16 -11.61
N SER B 43 25.04 -9.50 -11.52
CA SER B 43 24.61 -10.82 -11.05
C SER B 43 24.95 -11.91 -12.05
N ALA B 44 24.91 -11.56 -13.34
CA ALA B 44 25.13 -12.53 -14.43
C ALA B 44 26.61 -12.89 -14.66
N LEU B 45 27.53 -12.21 -13.98
CA LEU B 45 28.96 -12.51 -14.14
C LEU B 45 29.32 -13.87 -13.56
N ALA B 46 30.24 -14.56 -14.24
CA ALA B 46 30.72 -15.87 -13.79
C ALA B 46 31.63 -15.70 -12.57
N ARG B 47 32.64 -14.84 -12.71
CA ARG B 47 33.53 -14.49 -11.60
C ARG B 47 32.78 -13.61 -10.61
N LYS B 48 32.78 -14.02 -9.34
CA LYS B 48 32.13 -13.25 -8.28
C LYS B 48 32.92 -11.96 -8.01
N PRO B 49 32.34 -10.80 -8.36
CA PRO B 49 33.10 -9.55 -8.32
C PRO B 49 33.31 -9.04 -6.90
N ASP B 50 34.44 -8.37 -6.67
CA ASP B 50 34.74 -7.78 -5.37
C ASP B 50 33.95 -6.49 -5.16
N LYS B 51 34.11 -5.88 -3.99
CA LYS B 51 33.32 -4.72 -3.59
C LYS B 51 33.48 -3.54 -4.54
N LEU B 52 34.73 -3.24 -4.90
CA LEU B 52 35.03 -2.09 -5.75
C LEU B 52 34.35 -2.19 -7.10
N THR B 53 34.40 -3.38 -7.70
CA THR B 53 33.85 -3.55 -9.06
C THR B 53 32.31 -3.58 -9.02
N ILE B 54 31.73 -4.06 -7.93
CA ILE B 54 30.29 -3.95 -7.73
C ILE B 54 29.86 -2.48 -7.66
N LEU B 55 30.58 -1.69 -6.87
CA LEU B 55 30.29 -0.27 -6.73
C LEU B 55 30.40 0.46 -8.07
N ARG B 56 31.46 0.17 -8.82
CA ARG B 56 31.66 0.81 -10.13
C ARG B 56 30.52 0.49 -11.08
N MET B 57 30.04 -0.76 -11.05
CA MET B 57 28.90 -1.15 -11.89
C MET B 57 27.60 -0.52 -11.39
N ALA B 58 27.50 -0.30 -10.09
CA ALA B 58 26.37 0.42 -9.50
C ALA B 58 26.35 1.88 -9.95
N VAL B 59 27.53 2.50 -10.01
CA VAL B 59 27.67 3.87 -10.52
C VAL B 59 27.13 3.99 -11.94
N SER B 60 27.61 3.13 -12.83
CA SER B 60 27.19 3.14 -14.25
C SER B 60 25.70 2.98 -14.41
N HIS B 61 25.15 1.97 -13.75
CA HIS B 61 23.73 1.71 -13.83
C HIS B 61 22.92 2.87 -13.23
N MET B 62 23.37 3.40 -12.10
CA MET B 62 22.67 4.52 -11.47
C MET B 62 22.73 5.78 -12.35
N LYS B 63 23.89 6.04 -12.94
CA LYS B 63 24.04 7.17 -13.86
C LYS B 63 23.07 7.04 -15.04
N SER B 64 22.96 5.83 -15.57
CA SER B 64 22.04 5.53 -16.67
C SER B 64 20.57 5.77 -16.29
N LEU B 65 20.19 5.37 -15.09
CA LEU B 65 18.79 5.52 -14.64
C LEU B 65 18.37 6.97 -14.42
N ARG B 66 19.22 7.75 -13.75
CA ARG B 66 18.90 9.14 -13.44
C ARG B 66 18.88 10.03 -14.70
N GLY B 67 19.58 9.58 -15.73
CA GLY B 67 19.54 10.25 -17.03
C GLY B 67 20.42 11.47 -17.09
N THR B 68 20.42 12.12 -18.25
CA THR B 68 21.27 13.30 -18.51
C THR B 68 20.67 14.58 -17.91
N GLY B 69 20.58 14.61 -16.58
CA GLY B 69 20.01 15.75 -15.87
C GLY B 69 18.51 15.88 -16.06
N ASN B 70 17.89 16.93 -15.53
CA ASN B 70 18.56 17.96 -14.74
C ASN B 70 18.23 17.84 -13.26
N LYS B 71 16.98 18.19 -12.91
CA LYS B 71 16.57 18.25 -11.50
C LYS B 71 16.26 16.84 -10.95
N PRO B 72 16.69 16.58 -9.70
CA PRO B 72 16.63 15.24 -9.13
C PRO B 72 15.27 14.92 -8.50
N SER B 73 14.73 13.75 -8.84
CA SER B 73 13.48 13.28 -8.25
C SER B 73 13.46 11.76 -8.20
N PHE B 74 13.07 11.23 -7.04
CA PHE B 74 13.07 9.78 -6.81
C PHE B 74 12.14 9.09 -7.79
N LEU B 75 10.89 9.57 -7.82
CA LEU B 75 9.89 9.11 -8.77
C LEU B 75 9.58 10.22 -9.76
N THR B 76 9.31 9.84 -11.01
CA THR B 76 8.73 10.79 -11.96
C THR B 76 7.25 10.98 -11.62
N ASP B 77 6.65 12.04 -12.16
CA ASP B 77 5.28 12.42 -11.79
C ASP B 77 4.27 11.29 -12.01
N GLN B 78 4.41 10.59 -13.13
CA GLN B 78 3.52 9.50 -13.49
C GLN B 78 3.70 8.27 -12.59
N GLU B 79 4.91 8.08 -12.08
CA GLU B 79 5.21 6.99 -11.17
C GLU B 79 4.55 7.25 -9.82
N LEU B 80 4.69 8.48 -9.32
CA LEU B 80 4.02 8.89 -8.09
C LEU B 80 2.51 8.68 -8.20
N LYS B 81 1.95 9.11 -9.33
CA LYS B 81 0.53 8.92 -9.64
C LYS B 81 0.12 7.44 -9.53
N HIS B 82 0.92 6.56 -10.12
CA HIS B 82 0.67 5.11 -10.08
C HIS B 82 0.57 4.60 -8.64
N LEU B 83 1.52 4.99 -7.81
CA LEU B 83 1.54 4.58 -6.39
C LEU B 83 0.33 5.06 -5.60
N ILE B 84 -0.05 6.31 -5.80
CA ILE B 84 -1.22 6.87 -5.11
C ILE B 84 -2.49 6.11 -5.52
N LEU B 85 -2.64 5.88 -6.81
CA LEU B 85 -3.85 5.23 -7.34
C LEU B 85 -3.86 3.71 -7.16
N GLU B 86 -2.70 3.13 -6.85
CA GLU B 86 -2.66 1.73 -6.42
C GLU B 86 -3.15 1.61 -4.98
N ALA B 87 -2.73 2.55 -4.14
CA ALA B 87 -3.12 2.57 -2.72
C ALA B 87 -4.57 3.01 -2.56
N ALA B 88 -4.86 4.22 -3.05
CA ALA B 88 -6.20 4.80 -2.98
C ALA B 88 -6.98 4.52 -4.25
N ASP B 89 -8.26 4.86 -4.23
CA ASP B 89 -9.11 4.76 -5.41
C ASP B 89 -9.89 6.08 -5.57
N GLY B 90 -9.45 6.90 -6.50
CA GLY B 90 -10.08 8.20 -6.73
C GLY B 90 -9.57 8.94 -7.95
N PHE B 91 -9.90 10.23 -8.01
CA PHE B 91 -9.52 11.10 -9.12
C PHE B 91 -9.34 12.53 -8.64
N LEU B 92 -8.54 13.30 -9.38
CA LEU B 92 -8.28 14.70 -9.05
C LEU B 92 -9.31 15.59 -9.75
N PHE B 93 -9.90 16.52 -9.01
CA PHE B 93 -10.83 17.50 -9.58
C PHE B 93 -10.51 18.92 -9.09
N ILE B 94 -10.66 19.89 -9.98
CA ILE B 94 -10.27 21.28 -9.72
C ILE B 94 -11.42 22.23 -10.08
N VAL B 95 -11.75 23.14 -9.17
CA VAL B 95 -12.86 24.08 -9.34
C VAL B 95 -12.53 25.47 -8.78
N SER B 96 -13.45 26.42 -8.94
CA SER B 96 -13.30 27.79 -8.45
C SER B 96 -14.50 28.21 -7.61
N CYS B 97 -14.36 29.34 -6.92
CA CYS B 97 -15.41 29.86 -6.04
C CYS B 97 -16.45 30.70 -6.77
N GLU B 98 -15.98 31.59 -7.65
CA GLU B 98 -16.87 32.48 -8.40
C GLU B 98 -17.62 31.70 -9.48
N THR B 99 -16.85 31.05 -10.35
CA THR B 99 -17.37 30.26 -11.45
C THR B 99 -17.49 28.79 -11.05
N GLY B 100 -17.90 27.93 -11.98
CA GLY B 100 -18.07 26.50 -11.74
C GLY B 100 -16.89 25.84 -11.02
N ARG B 101 -15.75 25.69 -11.67
CA ARG B 101 -15.53 26.02 -13.10
C ARG B 101 -15.03 24.80 -13.88
N VAL B 102 -15.09 23.63 -13.25
CA VAL B 102 -14.54 22.38 -13.81
C VAL B 102 -13.29 22.58 -14.67
N VAL B 103 -12.18 22.90 -14.00
CA VAL B 103 -10.92 23.24 -14.67
C VAL B 103 -10.23 22.00 -15.23
N TYR B 104 -10.03 21.00 -14.38
CA TYR B 104 -9.27 19.80 -14.76
C TYR B 104 -9.81 18.56 -14.05
N VAL B 105 -9.87 17.45 -14.79
CA VAL B 105 -10.26 16.15 -14.24
C VAL B 105 -9.30 15.08 -14.75
N SER B 106 -8.99 14.11 -13.88
CA SER B 106 -8.02 13.06 -14.22
C SER B 106 -8.63 12.01 -15.15
N ASP B 107 -7.77 11.31 -15.87
CA ASP B 107 -8.18 10.23 -16.76
C ASP B 107 -8.73 9.02 -16.00
N SER B 108 -8.35 8.90 -14.72
CA SER B 108 -8.84 7.83 -13.86
C SER B 108 -10.13 8.21 -13.11
N VAL B 109 -10.90 9.14 -13.67
CA VAL B 109 -12.24 9.46 -13.14
C VAL B 109 -13.26 8.40 -13.55
N THR B 110 -13.12 7.86 -14.77
CA THR B 110 -14.10 6.92 -15.32
C THR B 110 -14.17 5.57 -14.57
N PRO B 111 -13.01 5.00 -14.16
CA PRO B 111 -13.09 3.75 -13.37
C PRO B 111 -13.62 3.93 -11.95
N VAL B 112 -13.45 5.12 -11.38
CA VAL B 112 -13.89 5.41 -10.01
C VAL B 112 -15.41 5.46 -9.94
N LEU B 113 -15.99 6.36 -10.73
CA LEU B 113 -17.44 6.42 -10.92
C LEU B 113 -17.73 6.37 -12.42
N ASN B 114 -18.62 5.48 -12.81
CA ASN B 114 -18.81 5.14 -14.22
C ASN B 114 -19.48 6.27 -15.01
N GLN B 115 -18.65 7.21 -15.47
CA GLN B 115 -19.12 8.38 -16.21
C GLN B 115 -17.93 8.94 -17.01
N PRO B 116 -18.12 9.19 -18.33
CA PRO B 116 -16.98 9.44 -19.22
C PRO B 116 -16.21 10.75 -18.99
N GLN B 117 -15.12 10.92 -19.71
CA GLN B 117 -14.19 12.04 -19.52
C GLN B 117 -14.78 13.38 -19.96
N SER B 118 -15.36 13.42 -21.15
CA SER B 118 -15.83 14.67 -21.78
C SER B 118 -16.99 15.34 -21.05
N GLU B 119 -17.72 14.59 -20.22
CA GLU B 119 -18.87 15.12 -19.49
C GLU B 119 -18.52 16.17 -18.42
N TRP B 120 -17.26 16.23 -18.01
CA TRP B 120 -16.81 17.21 -17.02
C TRP B 120 -16.21 18.48 -17.64
N PHE B 121 -15.73 18.40 -18.88
CA PHE B 121 -15.08 19.52 -19.54
C PHE B 121 -16.07 20.61 -19.94
N GLY B 122 -16.08 21.70 -19.18
CA GLY B 122 -16.94 22.85 -19.44
C GLY B 122 -18.43 22.59 -19.20
N SER B 123 -18.72 21.60 -18.36
CA SER B 123 -20.10 21.22 -18.05
C SER B 123 -20.49 21.66 -16.64
N THR B 124 -21.77 21.46 -16.31
CA THR B 124 -22.31 21.86 -15.01
C THR B 124 -21.80 20.98 -13.86
N LEU B 125 -21.50 21.63 -12.74
CA LEU B 125 -21.02 20.94 -11.54
C LEU B 125 -22.13 20.17 -10.81
N TYR B 126 -23.37 20.61 -11.00
CA TYR B 126 -24.54 20.00 -10.34
C TYR B 126 -24.91 18.61 -10.87
N ASP B 127 -24.52 18.31 -12.10
CA ASP B 127 -25.01 17.14 -12.83
C ASP B 127 -24.76 15.78 -12.14
N GLN B 128 -23.62 15.66 -11.45
CA GLN B 128 -23.24 14.40 -10.81
C GLN B 128 -23.31 14.41 -9.28
N VAL B 129 -23.64 15.57 -8.70
CA VAL B 129 -23.63 15.76 -7.25
C VAL B 129 -25.01 15.63 -6.61
N HIS B 130 -26.06 16.05 -7.33
CA HIS B 130 -27.44 15.95 -6.83
C HIS B 130 -27.85 14.50 -6.52
N PRO B 131 -28.91 14.30 -5.71
CA PRO B 131 -29.83 15.27 -5.10
C PRO B 131 -29.48 15.62 -3.65
N ASP B 132 -29.72 16.84 -3.20
CA ASP B 132 -30.07 18.02 -4.03
C ASP B 132 -29.37 19.29 -3.51
N ASP B 133 -28.34 19.10 -2.68
CA ASP B 133 -27.72 20.18 -1.93
C ASP B 133 -26.37 19.71 -1.37
N VAL B 134 -25.22 20.22 -1.85
CA VAL B 134 -25.06 21.27 -2.88
C VAL B 134 -25.33 22.70 -2.35
N ASP B 135 -25.85 22.80 -1.13
CA ASP B 135 -25.94 24.07 -0.40
C ASP B 135 -24.73 24.21 0.52
N LYS B 136 -24.20 23.07 0.96
CA LYS B 136 -22.98 23.02 1.76
C LYS B 136 -21.77 23.50 0.96
N LEU B 137 -21.68 23.08 -0.30
CA LEU B 137 -20.57 23.46 -1.16
C LEU B 137 -20.58 24.94 -1.55
N ARG B 138 -21.76 25.56 -1.53
CA ARG B 138 -21.92 26.96 -1.95
C ARG B 138 -21.11 27.93 -1.08
N GLU B 139 -21.03 27.67 0.22
CA GLU B 139 -20.24 28.51 1.14
C GLU B 139 -18.87 27.91 1.49
N GLN B 140 -18.67 26.63 1.19
CA GLN B 140 -17.34 26.00 1.33
C GLN B 140 -16.31 26.61 0.37
N LEU B 141 -16.78 27.16 -0.75
CA LEU B 141 -15.90 27.77 -1.74
C LEU B 141 -15.21 29.04 -1.26
N SER B 142 -15.87 29.78 -0.36
CA SER B 142 -15.34 31.05 0.14
C SER B 142 -14.16 30.83 1.10
N THR B 143 -13.20 31.76 1.05
CA THR B 143 -12.02 31.69 1.92
C THR B 143 -12.35 32.26 3.30
N SER B 144 -12.25 31.41 4.32
CA SER B 144 -12.52 31.82 5.71
C SER B 144 -11.68 31.00 6.68
N SER B 149 -5.42 27.81 3.92
CA SER B 149 -6.72 27.43 4.46
C SER B 149 -7.27 26.17 3.78
N ARG B 150 -6.98 25.01 4.37
CA ARG B 150 -7.50 23.74 3.87
C ARG B 150 -8.98 23.61 4.20
N ARG B 151 -9.71 22.93 3.30
CA ARG B 151 -11.15 22.70 3.48
C ARG B 151 -11.50 21.29 3.01
N SER B 152 -11.43 20.34 3.93
CA SER B 152 -11.79 18.96 3.66
C SER B 152 -13.26 18.72 4.01
N PHE B 153 -13.90 17.82 3.27
CA PHE B 153 -15.33 17.53 3.47
C PHE B 153 -15.78 16.24 2.77
N ILE B 154 -16.97 15.78 3.16
CA ILE B 154 -17.61 14.62 2.54
C ILE B 154 -18.79 15.09 1.68
N CYS B 155 -18.94 14.48 0.50
CA CYS B 155 -19.91 14.96 -0.50
C CYS B 155 -20.77 13.83 -1.09
N ARG B 156 -21.83 14.23 -1.78
CA ARG B 156 -22.84 13.31 -2.31
C ARG B 156 -22.53 12.87 -3.73
N MET B 157 -21.87 11.72 -3.87
CA MET B 157 -21.54 11.15 -5.18
C MET B 157 -21.36 9.63 -5.06
N ARG B 158 -22.00 8.81 -5.91
CA ARG B 158 -23.06 9.21 -6.85
C ARG B 158 -23.82 7.95 -7.28
N CYS B 159 -25.09 8.11 -7.61
CA CYS B 159 -25.94 6.98 -8.04
C CYS B 159 -26.45 7.19 -9.48
N GLY B 160 -25.87 6.43 -10.41
CA GLY B 160 -26.22 6.50 -11.83
C GLY B 160 -27.33 5.51 -12.19
N ASN B 161 -27.36 5.01 -13.42
CA ASN B 161 -26.39 5.33 -14.48
C ASN B 161 -27.12 5.47 -15.82
N VAL B 166 -19.21 6.48 -2.51
CA VAL B 166 -18.75 7.51 -1.58
C VAL B 166 -17.59 8.30 -2.18
N VAL B 167 -17.63 9.63 -2.03
CA VAL B 167 -16.56 10.51 -2.49
C VAL B 167 -16.17 11.47 -1.36
N HIS B 168 -15.31 10.97 -0.47
CA HIS B 168 -14.69 11.81 0.56
C HIS B 168 -13.53 12.57 -0.10
N CYS B 169 -13.76 13.84 -0.38
CA CYS B 169 -12.81 14.66 -1.13
C CYS B 169 -12.05 15.65 -0.25
N THR B 170 -10.72 15.48 -0.20
CA THR B 170 -9.85 16.37 0.57
C THR B 170 -9.08 17.29 -0.39
N GLY B 171 -8.91 18.55 0.01
CA GLY B 171 -8.18 19.52 -0.82
C GLY B 171 -7.83 20.82 -0.13
N TYR B 172 -7.24 21.73 -0.89
CA TYR B 172 -6.81 23.04 -0.38
C TYR B 172 -7.04 24.14 -1.42
N ILE B 173 -7.24 25.37 -0.94
CA ILE B 173 -7.57 26.50 -1.80
C ILE B 173 -6.29 27.25 -2.20
N LYS B 174 -6.18 27.59 -3.48
CA LYS B 174 -5.10 28.44 -3.98
C LYS B 174 -5.49 29.10 -5.30
N CYS B 183 -9.72 29.07 -5.51
CA CYS B 183 -9.70 27.94 -6.44
C CYS B 183 -9.25 26.66 -5.75
N LEU B 184 -10.13 25.66 -5.74
CA LEU B 184 -9.90 24.42 -5.01
C LEU B 184 -9.16 23.38 -5.85
N VAL B 185 -8.31 22.61 -5.19
CA VAL B 185 -7.62 21.46 -5.79
C VAL B 185 -7.78 20.28 -4.84
N ALA B 186 -8.58 19.29 -5.25
CA ALA B 186 -8.96 18.19 -4.36
C ALA B 186 -9.04 16.84 -5.07
N ILE B 187 -8.68 15.78 -4.34
CA ILE B 187 -8.90 14.40 -4.79
C ILE B 187 -10.31 13.97 -4.39
N GLY B 188 -10.90 13.07 -5.17
CA GLY B 188 -12.23 12.51 -4.87
C GLY B 188 -12.12 11.03 -4.61
N ARG B 189 -12.06 10.65 -3.34
CA ARG B 189 -11.71 9.29 -2.92
C ARG B 189 -12.85 8.61 -2.15
N LEU B 190 -12.82 7.27 -2.12
CA LEU B 190 -13.70 6.45 -1.29
C LEU B 190 -14.16 7.16 -0.01
N GLN B 206 -12.95 4.60 6.26
CA GLN B 206 -13.53 3.78 7.32
C GLN B 206 -13.94 2.40 6.78
N PRO B 207 -13.96 1.37 7.66
CA PRO B 207 -14.04 -0.01 7.19
C PRO B 207 -15.47 -0.51 6.98
N THR B 208 -15.71 -1.12 5.81
CA THR B 208 -16.99 -1.73 5.49
C THR B 208 -16.85 -3.23 5.21
N GLU B 209 -15.65 -3.78 5.44
CA GLU B 209 -15.39 -5.20 5.20
C GLU B 209 -14.39 -5.73 6.21
N PHE B 210 -14.44 -7.04 6.47
CA PHE B 210 -13.46 -7.70 7.34
C PHE B 210 -13.17 -9.13 6.91
N ILE B 211 -11.95 -9.58 7.19
CA ILE B 211 -11.50 -10.93 6.89
C ILE B 211 -11.78 -11.86 8.08
N SER B 212 -12.04 -13.13 7.77
CA SER B 212 -12.07 -14.15 8.80
C SER B 212 -11.58 -15.46 8.21
N ARG B 213 -11.13 -16.34 9.09
CA ARG B 213 -10.72 -17.68 8.70
C ARG B 213 -11.58 -18.68 9.47
N HIS B 214 -11.85 -19.80 8.83
CA HIS B 214 -12.72 -20.81 9.42
C HIS B 214 -12.18 -22.21 9.21
N ASN B 215 -12.46 -23.09 10.16
CA ASN B 215 -12.23 -24.51 9.95
C ASN B 215 -13.34 -25.03 9.03
N ILE B 216 -13.36 -26.33 8.79
CA ILE B 216 -14.14 -26.92 7.71
C ILE B 216 -15.63 -26.88 8.05
N GLU B 217 -15.94 -26.82 9.35
CA GLU B 217 -17.33 -26.76 9.83
C GLU B 217 -17.94 -25.37 9.74
N GLY B 218 -17.10 -24.35 9.61
CA GLY B 218 -17.55 -22.95 9.58
C GLY B 218 -17.28 -22.18 10.86
N ILE B 219 -16.51 -22.76 11.77
CA ILE B 219 -16.18 -22.10 13.03
C ILE B 219 -15.13 -21.02 12.81
N PHE B 220 -15.36 -19.85 13.39
CA PHE B 220 -14.40 -18.74 13.33
C PHE B 220 -13.13 -19.11 14.10
N THR B 221 -12.01 -19.25 13.39
CA THR B 221 -10.70 -19.43 14.03
C THR B 221 -9.83 -18.17 14.03
N PHE B 222 -10.17 -17.21 13.18
CA PHE B 222 -9.53 -15.89 13.20
C PHE B 222 -10.52 -14.84 12.73
N VAL B 223 -10.52 -13.69 13.42
CA VAL B 223 -11.38 -12.57 13.05
C VAL B 223 -10.59 -11.27 13.02
N ASP B 224 -10.62 -10.63 11.85
CA ASP B 224 -10.00 -9.34 11.63
C ASP B 224 -10.78 -8.26 12.38
N HIS B 225 -10.05 -7.39 13.09
CA HIS B 225 -10.62 -6.36 13.98
C HIS B 225 -11.57 -5.36 13.29
N ARG B 226 -11.50 -5.26 11.97
CA ARG B 226 -12.48 -4.48 11.20
C ARG B 226 -13.93 -4.97 11.36
N CYS B 227 -14.12 -6.13 11.97
CA CYS B 227 -15.46 -6.64 12.26
C CYS B 227 -16.26 -5.73 13.20
N VAL B 228 -15.55 -5.02 14.09
CA VAL B 228 -16.18 -4.13 15.08
C VAL B 228 -17.05 -3.08 14.42
N ALA B 229 -16.48 -2.36 13.45
CA ALA B 229 -17.21 -1.31 12.75
C ALA B 229 -18.26 -1.86 11.78
N THR B 230 -18.01 -3.05 11.24
CA THR B 230 -18.85 -3.62 10.19
C THR B 230 -20.07 -4.38 10.74
N VAL B 231 -19.86 -5.22 11.75
CA VAL B 231 -20.96 -5.99 12.36
C VAL B 231 -21.15 -5.80 13.88
N GLY B 232 -20.32 -4.95 14.51
CA GLY B 232 -20.52 -4.59 15.92
C GLY B 232 -19.84 -5.45 16.97
N TYR B 233 -19.34 -6.63 16.60
CA TYR B 233 -18.74 -7.55 17.56
C TYR B 233 -17.24 -7.31 17.70
N GLN B 234 -16.72 -7.61 18.89
CA GLN B 234 -15.29 -7.79 19.08
C GLN B 234 -14.93 -9.17 18.52
N PRO B 235 -13.69 -9.37 18.06
CA PRO B 235 -13.23 -10.68 17.59
C PRO B 235 -13.56 -11.83 18.55
N GLN B 236 -13.44 -11.57 19.85
CA GLN B 236 -13.64 -12.59 20.89
C GLN B 236 -15.07 -13.12 20.94
N GLU B 237 -16.03 -12.30 20.52
CA GLU B 237 -17.45 -12.69 20.52
C GLU B 237 -17.81 -13.59 19.33
N LEU B 238 -16.96 -13.61 18.30
CA LEU B 238 -17.17 -14.47 17.14
C LEU B 238 -16.33 -15.74 17.17
N LEU B 239 -15.11 -15.65 17.70
CA LEU B 239 -14.20 -16.81 17.79
C LEU B 239 -14.84 -17.97 18.54
N GLY B 240 -14.75 -19.17 17.98
CA GLY B 240 -15.33 -20.36 18.59
C GLY B 240 -16.74 -20.65 18.14
N LYS B 241 -17.45 -19.63 17.67
CA LYS B 241 -18.82 -19.79 17.18
C LYS B 241 -18.79 -20.12 15.69
N ASN B 242 -19.79 -20.87 15.24
CA ASN B 242 -19.98 -21.12 13.82
C ASN B 242 -20.60 -19.90 13.15
N ILE B 243 -20.16 -19.60 11.93
CA ILE B 243 -20.73 -18.47 11.17
C ILE B 243 -22.25 -18.65 10.95
N VAL B 244 -22.68 -19.89 10.82
CA VAL B 244 -24.09 -20.19 10.60
C VAL B 244 -24.97 -19.72 11.78
N GLU B 245 -24.36 -19.60 12.96
CA GLU B 245 -25.08 -19.07 14.14
C GLU B 245 -25.44 -17.59 14.01
N PHE B 246 -24.82 -16.89 13.07
CA PHE B 246 -25.12 -15.48 12.81
C PHE B 246 -25.88 -15.30 11.50
N CYS B 247 -26.29 -16.40 10.89
CA CYS B 247 -26.99 -16.38 9.62
C CYS B 247 -28.48 -16.47 9.85
N HIS B 248 -29.23 -15.60 9.18
CA HIS B 248 -30.68 -15.58 9.22
C HIS B 248 -31.26 -16.94 8.79
N PRO B 249 -32.29 -17.44 9.51
CA PRO B 249 -32.92 -18.74 9.24
C PRO B 249 -33.17 -19.06 7.77
N GLU B 250 -33.81 -18.13 7.05
CA GLU B 250 -34.07 -18.30 5.61
C GLU B 250 -32.84 -18.32 4.71
N ASP B 251 -31.69 -17.86 5.20
CA ASP B 251 -30.44 -17.91 4.43
C ASP B 251 -29.52 -19.07 4.80
N GLN B 252 -29.91 -19.87 5.78
CA GLN B 252 -29.01 -20.91 6.30
C GLN B 252 -28.67 -22.02 5.32
N GLN B 253 -29.66 -22.49 4.57
CA GLN B 253 -29.43 -23.54 3.58
C GLN B 253 -28.50 -23.02 2.49
N LEU B 254 -28.79 -21.82 2.01
CA LEU B 254 -27.95 -21.14 1.02
C LEU B 254 -26.50 -21.02 1.51
N LEU B 255 -26.32 -20.61 2.76
CA LEU B 255 -24.98 -20.47 3.33
C LEU B 255 -24.26 -21.82 3.46
N ARG B 256 -24.97 -22.84 3.92
CA ARG B 256 -24.41 -24.19 4.02
C ARG B 256 -24.03 -24.73 2.64
N ASP B 257 -24.92 -24.53 1.66
CA ASP B 257 -24.64 -24.96 0.29
C ASP B 257 -23.41 -24.25 -0.28
N SER B 258 -23.27 -22.97 0.03
CA SER B 258 -22.12 -22.20 -0.46
C SER B 258 -20.81 -22.77 0.07
N PHE B 259 -20.79 -23.16 1.34
CA PHE B 259 -19.59 -23.74 1.95
C PHE B 259 -19.27 -25.14 1.44
N GLN B 260 -20.27 -25.85 0.93
CA GLN B 260 -20.06 -27.15 0.32
C GLN B 260 -19.49 -26.97 -1.09
N GLN B 261 -19.94 -25.92 -1.78
CA GLN B 261 -19.48 -25.61 -3.13
C GLN B 261 -18.06 -25.04 -3.14
N VAL B 262 -17.72 -24.18 -2.18
CA VAL B 262 -16.37 -23.60 -2.12
C VAL B 262 -15.29 -24.66 -1.90
N VAL B 263 -15.61 -25.71 -1.16
CA VAL B 263 -14.69 -26.84 -0.99
C VAL B 263 -14.44 -27.50 -2.35
N LYS B 264 -15.50 -27.71 -3.12
CA LYS B 264 -15.40 -28.30 -4.45
C LYS B 264 -14.73 -27.40 -5.48
N LEU B 265 -14.73 -26.10 -5.24
CA LEU B 265 -14.03 -25.14 -6.10
C LEU B 265 -12.50 -25.18 -5.91
N LYS B 266 -12.04 -25.77 -4.81
CA LYS B 266 -10.62 -26.05 -4.58
C LYS B 266 -9.71 -24.83 -4.76
N GLY B 267 -10.06 -23.75 -4.07
CA GLY B 267 -9.25 -22.52 -4.09
C GLY B 267 -9.81 -21.36 -4.90
N GLN B 268 -10.79 -21.65 -5.76
CA GLN B 268 -11.49 -20.60 -6.51
C GLN B 268 -12.55 -19.95 -5.62
N VAL B 269 -12.87 -18.70 -5.93
CA VAL B 269 -13.71 -17.88 -5.06
C VAL B 269 -15.18 -17.97 -5.44
N LEU B 270 -16.03 -18.09 -4.42
CA LEU B 270 -17.47 -17.95 -4.58
C LEU B 270 -18.00 -16.90 -3.63
N SER B 271 -18.93 -16.07 -4.12
CA SER B 271 -19.61 -15.08 -3.31
C SER B 271 -21.04 -15.53 -3.02
N VAL B 272 -21.53 -15.15 -1.86
CA VAL B 272 -22.92 -15.38 -1.48
C VAL B 272 -23.38 -14.19 -0.65
N MET B 273 -24.67 -13.89 -0.73
CA MET B 273 -25.27 -12.79 0.01
C MET B 273 -26.27 -13.32 1.03
N PHE B 274 -26.20 -12.82 2.26
CA PHE B 274 -27.13 -13.25 3.32
C PHE B 274 -27.22 -12.23 4.45
N ARG B 275 -28.18 -12.46 5.34
CA ARG B 275 -28.42 -11.57 6.46
C ARG B 275 -27.65 -12.04 7.69
N PHE B 276 -26.78 -11.16 8.18
CA PHE B 276 -25.88 -11.43 9.29
C PHE B 276 -26.42 -10.68 10.51
N ARG B 277 -26.51 -11.36 11.65
CA ARG B 277 -27.02 -10.72 12.86
C ARG B 277 -25.92 -9.90 13.54
N SER B 278 -26.02 -8.58 13.44
CA SER B 278 -25.05 -7.69 14.08
C SER B 278 -25.27 -7.60 15.58
N LYS B 279 -24.31 -7.02 16.29
CA LYS B 279 -24.34 -6.92 17.75
C LYS B 279 -25.59 -6.21 18.30
N ASN B 280 -26.03 -5.17 17.60
CA ASN B 280 -27.24 -4.45 18.00
C ASN B 280 -28.54 -5.20 17.68
N ARG B 281 -28.40 -6.44 17.21
CA ARG B 281 -29.52 -7.37 16.95
C ARG B 281 -30.27 -7.11 15.63
N GLU B 282 -29.79 -6.16 14.83
CA GLU B 282 -30.36 -5.95 13.50
C GLU B 282 -29.79 -6.95 12.52
N TRP B 283 -30.59 -7.33 11.53
CA TRP B 283 -30.13 -8.16 10.43
C TRP B 283 -29.49 -7.26 9.37
N LEU B 284 -28.23 -7.52 9.06
CA LEU B 284 -27.48 -6.74 8.08
C LEU B 284 -27.16 -7.57 6.85
N TRP B 285 -27.48 -7.04 5.68
CA TRP B 285 -27.11 -7.69 4.44
C TRP B 285 -25.60 -7.68 4.29
N VAL B 286 -25.06 -8.82 3.88
CA VAL B 286 -23.63 -9.03 3.78
C VAL B 286 -23.36 -9.85 2.53
N ARG B 287 -22.31 -9.49 1.79
CA ARG B 287 -21.78 -10.37 0.75
C ARG B 287 -20.48 -10.94 1.28
N THR B 288 -20.40 -12.27 1.35
CA THR B 288 -19.16 -12.94 1.72
C THR B 288 -18.55 -13.55 0.48
N SER B 289 -17.22 -13.49 0.39
CA SER B 289 -16.47 -14.17 -0.65
C SER B 289 -15.54 -15.14 0.05
N SER B 290 -15.35 -16.31 -0.53
CA SER B 290 -14.67 -17.38 0.19
C SER B 290 -13.94 -18.36 -0.72
N PHE B 291 -12.81 -18.86 -0.25
CA PHE B 291 -12.10 -19.96 -0.90
C PHE B 291 -11.35 -20.78 0.13
N THR B 292 -10.99 -22.00 -0.25
CA THR B 292 -10.24 -22.90 0.62
C THR B 292 -8.76 -22.91 0.28
N PHE B 293 -7.94 -23.32 1.23
CA PHE B 293 -6.53 -23.63 0.96
C PHE B 293 -5.96 -24.63 1.97
N GLN B 294 -4.98 -25.42 1.52
CA GLN B 294 -4.31 -26.40 2.37
C GLN B 294 -3.28 -25.71 3.26
N ASN B 295 -3.61 -25.55 4.54
CA ASN B 295 -2.75 -24.84 5.49
C ASN B 295 -1.52 -25.67 5.88
N PRO B 296 -0.31 -25.16 5.58
CA PRO B 296 0.90 -25.83 6.06
C PRO B 296 1.28 -25.35 7.47
N TYR B 297 1.82 -26.25 8.27
CA TYR B 297 2.06 -26.08 9.72
C TYR B 297 1.19 -27.08 10.46
N SER B 298 -0.09 -27.10 10.09
CA SER B 298 -1.03 -28.07 10.62
C SER B 298 -1.33 -29.19 9.62
N ASP B 299 -0.97 -29.01 8.35
CA ASP B 299 -1.37 -29.95 7.30
C ASP B 299 -2.86 -30.04 7.32
N GLU B 300 -3.47 -29.11 8.06
CA GLU B 300 -4.80 -29.28 8.52
C GLU B 300 -5.58 -29.21 7.27
N ILE B 301 -6.79 -29.69 7.34
CA ILE B 301 -7.56 -29.90 6.15
C ILE B 301 -7.87 -28.52 5.62
N GLU B 302 -8.67 -28.48 4.58
CA GLU B 302 -8.96 -27.23 3.91
C GLU B 302 -9.34 -26.19 4.95
N TYR B 303 -8.83 -25.00 4.69
CA TYR B 303 -8.98 -23.86 5.56
C TYR B 303 -9.83 -22.90 4.74
N ILE B 304 -10.95 -22.46 5.29
CA ILE B 304 -11.77 -21.45 4.63
C ILE B 304 -11.27 -20.06 5.02
N ILE B 305 -11.02 -19.21 4.03
CA ILE B 305 -10.78 -17.79 4.26
C ILE B 305 -11.94 -16.98 3.66
N CYS B 306 -12.51 -16.08 4.44
CA CYS B 306 -13.66 -15.29 4.01
C CYS B 306 -13.37 -13.80 4.13
N THR B 307 -13.90 -13.03 3.18
CA THR B 307 -14.02 -11.59 3.34
C THR B 307 -15.50 -11.26 3.38
N ASN B 308 -15.88 -10.46 4.38
CA ASN B 308 -17.27 -10.18 4.68
C ASN B 308 -17.54 -8.70 4.53
N THR B 309 -18.35 -8.34 3.53
CA THR B 309 -18.63 -6.94 3.23
C THR B 309 -20.11 -6.64 3.41
N ASN B 310 -20.41 -5.60 4.20
CA ASN B 310 -21.75 -5.03 4.18
C ASN B 310 -21.89 -4.20 2.91
N VAL B 311 -22.93 -4.49 2.13
CA VAL B 311 -22.99 -4.09 0.70
C VAL B 311 -22.54 -2.63 0.52
C1 GOL C . 11.85 -4.18 -1.09
O1 GOL C . 11.44 -3.30 -0.04
C2 GOL C . 12.31 -5.51 -0.48
O2 GOL C . 12.39 -6.50 -1.50
C3 GOL C . 13.67 -5.33 0.17
O3 GOL C . 14.14 -6.59 0.66
C1 GOL D . 9.99 6.26 21.17
O1 GOL D . 10.21 4.90 21.49
C2 GOL D . 9.60 7.04 22.43
O2 GOL D . 10.69 7.01 23.35
C3 GOL D . 9.27 8.48 22.05
O3 GOL D . 9.10 9.28 23.22
C1 GOL E . -24.53 -20.22 21.30
O1 GOL E . -25.86 -19.73 21.07
C2 GOL E . -24.44 -21.71 21.00
O2 GOL E . -24.97 -21.97 19.69
C3 GOL E . -22.98 -22.16 21.07
O3 GOL E . -22.84 -23.52 20.68
#